data_7X2B
#
_entry.id   7X2B
#
_cell.length_a   46.929
_cell.length_b   75.394
_cell.length_c   118.955
_cell.angle_alpha   90.000
_cell.angle_beta   90.000
_cell.angle_gamma   90.000
#
_symmetry.space_group_name_H-M   'I 2 2 2'
#
loop_
_entity.id
_entity.type
_entity.pdbx_description
1 polymer 'Red fluorescent protein'
2 non-polymer 'SULFATE ION'
3 water water
#
_entity_poly.entity_id   1
_entity_poly.type   'polypeptide(L)'
_entity_poly.pdbx_seq_one_letter_code
;GSHMSLIKDQMTTKLHLEGTVNGHYFEIEGNGQGEPYEGKQSMKLVVTKGAPLPFAYDILLPQH(NRQ)SKPFIKYPAEI
PDYYKQSFPEGFSWERIMKFEDGAVCTVSQHSSLKGNCFVYDVKFHGVHFPLDGPVMQKKTLGWEPSTERIYPRDGMLRG
DVPMALKVEGGGNYRCDFKTVYKAKKSVKLPENHFVDHRIVMTKHDKDYTNVEQAEVAVARNSPF
;
_entity_poly.pdbx_strand_id   A
#
loop_
_chem_comp.id
_chem_comp.type
_chem_comp.name
_chem_comp.formula
SO4 non-polymer 'SULFATE ION' 'O4 S -2'
#
# COMPACT_ATOMS: atom_id res chain seq x y z
N MET A 4 -15.71 13.14 15.89
CA MET A 4 -16.57 12.21 15.12
C MET A 4 -16.34 12.41 13.61
N SER A 5 -16.57 11.33 12.86
CA SER A 5 -16.25 11.16 11.42
C SER A 5 -17.43 10.46 10.76
N LEU A 6 -17.86 10.99 9.63
CA LEU A 6 -18.68 10.23 8.67
C LEU A 6 -17.92 10.33 7.36
N ILE A 7 -17.22 9.26 7.01
CA ILE A 7 -16.44 9.22 5.74
C ILE A 7 -17.41 9.47 4.57
N LYS A 8 -17.04 10.39 3.68
CA LYS A 8 -17.92 10.83 2.56
C LYS A 8 -17.61 9.97 1.35
N ASP A 9 -18.46 10.04 0.35
CA ASP A 9 -18.36 9.14 -0.83
C ASP A 9 -17.19 9.57 -1.69
N GLN A 10 -16.65 10.76 -1.45
CA GLN A 10 -15.42 11.28 -2.09
C GLN A 10 -14.53 11.85 -0.98
N MET A 11 -13.26 11.47 -0.97
CA MET A 11 -12.31 11.93 0.09
C MET A 11 -10.97 12.16 -0.59
N THR A 12 -10.11 13.00 -0.02
CA THR A 12 -8.75 13.18 -0.59
C THR A 12 -7.73 12.40 0.28
N THR A 13 -6.53 12.26 -0.27
CA THR A 13 -5.38 11.73 0.46
C THR A 13 -4.21 12.70 0.35
N LYS A 14 -3.35 12.70 1.38
CA LYS A 14 -2.06 13.43 1.39
C LYS A 14 -1.06 12.50 2.07
N LEU A 15 0.09 12.35 1.45
CA LEU A 15 1.10 11.36 1.89
C LEU A 15 2.48 11.99 1.88
N HIS A 16 3.24 11.60 2.90
CA HIS A 16 4.67 11.90 3.07
C HIS A 16 5.34 10.57 3.36
N LEU A 17 6.32 10.25 2.54
CA LEU A 17 7.12 9.01 2.69
C LEU A 17 8.60 9.38 2.77
N GLU A 18 9.27 8.78 3.75
CA GLU A 18 10.75 8.80 3.89
C GLU A 18 11.27 7.38 3.68
N GLY A 19 12.25 7.21 2.82
CA GLY A 19 12.75 5.89 2.46
C GLY A 19 14.26 5.83 2.42
N THR A 20 14.80 4.64 2.66
CA THR A 20 16.20 4.32 2.35
C THR A 20 16.21 2.92 1.73
N VAL A 21 16.69 2.82 0.51
CA VAL A 21 16.80 1.55 -0.24
C VAL A 21 18.24 1.44 -0.70
N ASN A 22 18.87 0.32 -0.34
CA ASN A 22 20.26 0.01 -0.68
C ASN A 22 21.08 1.28 -0.33
N GLY A 23 20.79 1.86 0.83
CA GLY A 23 21.60 2.94 1.43
C GLY A 23 21.31 4.30 0.82
N HIS A 24 20.38 4.39 -0.13
CA HIS A 24 20.02 5.66 -0.83
C HIS A 24 18.79 6.24 -0.18
N TYR A 25 18.90 7.44 0.38
CA TYR A 25 17.78 8.17 1.01
C TYR A 25 16.91 8.84 -0.06
N PHE A 26 15.60 8.87 0.20
CA PHE A 26 14.62 9.62 -0.65
C PHE A 26 13.38 9.98 0.13
N GLU A 27 12.65 10.96 -0.42
CA GLU A 27 11.37 11.42 0.15
C GLU A 27 10.38 11.57 -1.00
N ILE A 28 9.13 11.27 -0.71
CA ILE A 28 8.04 11.32 -1.72
C ILE A 28 6.88 12.06 -1.06
N GLU A 29 6.25 12.92 -1.85
CA GLU A 29 5.02 13.66 -1.49
C GLU A 29 3.93 13.23 -2.45
N GLY A 30 2.82 12.86 -1.86
CA GLY A 30 1.63 12.38 -2.57
C GLY A 30 0.42 13.24 -2.29
N ASN A 31 -0.42 13.37 -3.32
CA ASN A 31 -1.78 13.95 -3.26
C ASN A 31 -2.72 13.06 -4.08
N GLY A 32 -3.80 12.61 -3.46
CA GLY A 32 -4.72 11.66 -4.12
C GLY A 32 -6.18 11.93 -3.79
N GLN A 33 -7.02 11.04 -4.30
CA GLN A 33 -8.48 11.16 -4.16
C GLN A 33 -9.07 9.79 -4.44
N GLY A 34 -10.22 9.54 -3.85
CA GLY A 34 -10.95 8.33 -4.21
C GLY A 34 -12.35 8.29 -3.66
N GLU A 35 -12.97 7.14 -3.85
CA GLU A 35 -14.36 6.85 -3.47
C GLU A 35 -14.33 5.70 -2.47
N PRO A 36 -14.28 6.03 -1.15
CA PRO A 36 -13.98 5.02 -0.13
C PRO A 36 -14.92 3.81 -0.15
N TYR A 37 -16.23 4.04 -0.38
CA TYR A 37 -17.27 3.00 -0.37
C TYR A 37 -17.26 2.23 -1.69
N GLU A 38 -16.58 2.72 -2.72
CA GLU A 38 -16.51 2.04 -4.03
C GLU A 38 -15.20 1.23 -4.16
N GLY A 39 -14.24 1.41 -3.25
CA GLY A 39 -12.97 0.68 -3.28
C GLY A 39 -12.06 1.20 -4.37
N LYS A 40 -12.13 2.49 -4.69
CA LYS A 40 -11.35 3.04 -5.85
C LYS A 40 -10.62 4.28 -5.39
N GLN A 41 -9.37 4.43 -5.84
CA GLN A 41 -8.58 5.64 -5.49
C GLN A 41 -7.47 5.81 -6.50
N SER A 42 -6.91 7.02 -6.54
CA SER A 42 -5.73 7.34 -7.37
C SER A 42 -4.82 8.23 -6.53
N MET A 43 -3.55 8.32 -6.90
CA MET A 43 -2.62 9.25 -6.22
C MET A 43 -1.56 9.69 -7.22
N LYS A 44 -1.15 10.95 -7.07
CA LYS A 44 -0.08 11.57 -7.87
C LYS A 44 1.11 11.83 -6.94
N LEU A 45 2.30 11.35 -7.30
CA LEU A 45 3.46 11.38 -6.39
C LEU A 45 4.62 12.11 -7.04
N VAL A 46 5.42 12.75 -6.18
CA VAL A 46 6.63 13.49 -6.61
C VAL A 46 7.79 13.05 -5.71
N VAL A 47 8.86 12.55 -6.28
CA VAL A 47 10.14 12.29 -5.52
C VAL A 47 10.78 13.67 -5.31
N THR A 48 10.73 14.18 -4.08
CA THR A 48 11.16 15.56 -3.70
C THR A 48 12.60 15.59 -3.16
N LYS A 49 13.12 14.44 -2.70
CA LYS A 49 14.52 14.26 -2.28
C LYS A 49 15.00 12.87 -2.73
N GLY A 50 16.23 12.80 -3.23
CA GLY A 50 16.87 11.55 -3.66
C GLY A 50 16.59 11.19 -5.10
N ALA A 51 16.05 12.10 -5.91
CA ALA A 51 15.75 11.82 -7.34
C ALA A 51 17.04 11.95 -8.16
N PRO A 52 17.27 11.15 -9.23
CA PRO A 52 16.36 10.10 -9.68
C PRO A 52 16.57 8.84 -8.82
N LEU A 53 15.50 8.08 -8.59
CA LEU A 53 15.61 6.87 -7.75
C LEU A 53 16.45 5.86 -8.54
N PRO A 54 17.43 5.22 -7.89
CA PRO A 54 18.26 4.21 -8.53
C PRO A 54 17.65 2.79 -8.55
N PHE A 55 16.41 2.63 -8.08
CA PHE A 55 15.75 1.30 -7.97
C PHE A 55 14.33 1.39 -8.56
N ALA A 56 13.74 0.23 -8.82
CA ALA A 56 12.37 0.08 -9.35
C ALA A 56 11.35 0.72 -8.43
N TYR A 57 10.71 1.76 -8.96
CA TYR A 57 9.64 2.49 -8.28
C TYR A 57 8.51 1.53 -7.86
N ASP A 58 8.24 0.47 -8.60
CA ASP A 58 7.12 -0.48 -8.34
C ASP A 58 7.13 -0.92 -6.86
N ILE A 59 8.30 -1.04 -6.21
CA ILE A 59 8.32 -1.57 -4.81
C ILE A 59 7.55 -0.62 -3.89
N LEU A 60 7.43 0.66 -4.24
CA LEU A 60 6.73 1.67 -3.41
C LEU A 60 5.20 1.69 -3.62
N LEU A 61 4.68 1.18 -4.75
CA LEU A 61 3.26 1.41 -5.12
C LEU A 61 2.36 1.00 -3.96
N PRO A 62 2.47 -0.22 -3.38
CA PRO A 62 1.55 -0.65 -2.32
C PRO A 62 1.79 0.02 -0.95
N GLN A 63 2.75 0.94 -0.84
CA GLN A 63 2.94 1.67 0.44
C GLN A 63 2.20 3.02 0.38
N HIS A 64 1.66 3.41 -0.79
CA HIS A 64 0.95 4.70 -1.00
C HIS A 64 -0.57 4.48 -0.86
N1 NRQ A 65 -1.08 3.25 -0.48
CE NRQ A 65 -2.92 5.30 -4.34
SD NRQ A 65 -3.26 3.56 -4.68
CG1 NRQ A 65 -3.05 2.90 -3.00
CB1 NRQ A 65 -1.63 2.43 -2.72
CA1 NRQ A 65 -1.40 2.26 -1.24
C1 NRQ A 65 -1.61 1.00 -0.57
N2 NRQ A 65 -1.81 -0.15 -1.28
OH NRQ A 65 -2.16 -6.12 -4.71
CD2 NRQ A 65 -2.05 -4.78 -1.36
CE2 NRQ A 65 -2.09 -5.69 -2.38
CZ NRQ A 65 -2.15 -5.25 -3.69
CE1 NRQ A 65 -2.17 -3.89 -3.97
CD1 NRQ A 65 -2.15 -2.99 -2.94
CG2 NRQ A 65 -2.09 -3.40 -1.60
CB2 NRQ A 65 -2.04 -2.52 -0.46
CA2 NRQ A 65 -1.90 -1.18 -0.32
C2 NRQ A 65 -1.74 -0.62 1.01
O2 NRQ A 65 -1.68 -1.18 2.10
N3 NRQ A 65 -1.56 0.74 0.80
CA3 NRQ A 65 -1.14 1.63 1.87
C3 NRQ A 65 -2.20 2.62 2.35
O3 NRQ A 65 -1.90 3.56 3.09
N SER A 66 -3.48 2.56 1.61
CA SER A 66 -4.53 3.60 1.74
C SER A 66 -5.84 2.85 1.96
N LYS A 67 -5.92 2.24 3.12
CA LYS A 67 -6.86 1.18 3.50
C LYS A 67 -8.30 1.67 3.65
N PRO A 68 -8.62 2.97 3.86
CA PRO A 68 -10.01 3.38 3.88
C PRO A 68 -10.76 3.20 2.57
N PHE A 69 -10.06 3.02 1.46
CA PHE A 69 -10.66 2.89 0.10
C PHE A 69 -10.78 1.42 -0.30
N ILE A 70 -11.33 0.60 0.57
CA ILE A 70 -11.75 -0.78 0.23
C ILE A 70 -13.27 -0.84 0.26
N LYS A 71 -13.87 -1.41 -0.77
CA LYS A 71 -15.32 -1.66 -0.75
C LYS A 71 -15.62 -2.82 0.17
N TYR A 72 -16.24 -2.53 1.31
CA TYR A 72 -16.63 -3.54 2.32
C TYR A 72 -18.10 -3.82 2.21
N PRO A 73 -18.47 -5.11 2.06
CA PRO A 73 -19.86 -5.48 2.14
C PRO A 73 -20.35 -5.14 3.54
N ALA A 74 -21.64 -4.83 3.65
CA ALA A 74 -22.27 -4.45 4.94
C ALA A 74 -22.03 -5.56 5.99
N GLU A 75 -22.00 -6.83 5.56
CA GLU A 75 -21.88 -8.02 6.44
C GLU A 75 -20.46 -8.21 7.02
N ILE A 76 -19.45 -7.51 6.52
CA ILE A 76 -18.07 -7.66 7.06
C ILE A 76 -17.68 -6.34 7.72
N PRO A 77 -17.39 -6.29 9.03
CA PRO A 77 -16.89 -5.06 9.65
C PRO A 77 -15.68 -4.47 8.92
N ASP A 78 -15.73 -3.15 8.74
CA ASP A 78 -14.72 -2.35 8.02
C ASP A 78 -13.81 -1.72 9.08
N TYR A 79 -12.75 -2.46 9.44
CA TYR A 79 -11.79 -2.08 10.50
C TYR A 79 -11.24 -0.68 10.23
N TYR A 80 -10.93 -0.37 8.98
CA TYR A 80 -10.24 0.86 8.56
C TYR A 80 -11.18 2.05 8.72
N LYS A 81 -12.37 1.96 8.13
CA LYS A 81 -13.32 3.10 8.15
C LYS A 81 -13.76 3.33 9.60
N GLN A 82 -13.92 2.27 10.37
CA GLN A 82 -14.41 2.45 11.77
C GLN A 82 -13.36 3.15 12.65
N SER A 83 -12.07 3.14 12.28
CA SER A 83 -10.97 3.66 13.13
C SER A 83 -11.02 5.19 13.22
N PHE A 84 -11.71 5.86 12.30
CA PHE A 84 -11.68 7.34 12.19
C PHE A 84 -12.65 7.93 13.20
N PRO A 85 -12.41 9.14 13.73
CA PRO A 85 -11.34 10.02 13.27
C PRO A 85 -9.90 9.78 13.76
N GLU A 86 -9.69 9.00 14.82
CA GLU A 86 -8.35 8.81 15.45
C GLU A 86 -7.41 8.10 14.47
N GLY A 87 -7.93 7.12 13.74
CA GLY A 87 -7.20 6.47 12.63
C GLY A 87 -6.47 5.22 13.10
N PHE A 88 -5.38 4.87 12.42
CA PHE A 88 -4.70 3.57 12.62
C PHE A 88 -3.28 3.66 12.11
N SER A 89 -2.50 2.66 12.46
CA SER A 89 -1.12 2.49 11.97
C SER A 89 -1.04 1.14 11.28
N TRP A 90 -0.05 0.98 10.41
CA TRP A 90 0.22 -0.37 9.89
C TRP A 90 1.72 -0.59 9.77
N GLU A 91 2.10 -1.86 9.83
CA GLU A 91 3.51 -2.26 9.66
C GLU A 91 3.55 -3.47 8.75
N ARG A 92 4.50 -3.46 7.83
CA ARG A 92 4.59 -4.51 6.79
C ARG A 92 6.01 -5.02 6.68
N ILE A 93 6.09 -6.33 6.45
CA ILE A 93 7.35 -7.01 6.05
C ILE A 93 7.12 -7.51 4.64
N MET A 94 8.05 -7.18 3.76
CA MET A 94 8.07 -7.58 2.33
C MET A 94 9.27 -8.50 2.13
N LYS A 95 9.02 -9.79 1.91
CA LYS A 95 10.10 -10.78 1.72
C LYS A 95 10.12 -11.18 0.25
N PHE A 96 11.09 -10.69 -0.49
CA PHE A 96 11.27 -11.01 -1.92
C PHE A 96 11.96 -12.38 -2.06
N GLU A 97 11.71 -13.06 -3.17
CA GLU A 97 12.24 -14.45 -3.35
C GLU A 97 13.76 -14.47 -3.55
N ASP A 98 14.41 -13.33 -3.79
CA ASP A 98 15.88 -13.24 -3.98
C ASP A 98 16.57 -12.71 -2.71
N GLY A 99 15.89 -12.80 -1.56
CA GLY A 99 16.45 -12.48 -0.24
C GLY A 99 16.32 -11.02 0.14
N ALA A 100 15.92 -10.12 -0.77
CA ALA A 100 15.70 -8.70 -0.39
C ALA A 100 14.55 -8.61 0.64
N VAL A 101 14.66 -7.66 1.57
CA VAL A 101 13.61 -7.39 2.59
C VAL A 101 13.34 -5.90 2.64
N CYS A 102 12.06 -5.54 2.57
CA CYS A 102 11.65 -4.18 2.99
C CYS A 102 10.81 -4.29 4.26
N THR A 103 10.97 -3.28 5.10
CA THR A 103 10.09 -3.02 6.25
C THR A 103 9.41 -1.70 5.99
N VAL A 104 8.14 -1.64 6.33
CA VAL A 104 7.30 -0.44 6.14
C VAL A 104 6.54 -0.18 7.43
N SER A 105 6.41 1.09 7.82
CA SER A 105 5.57 1.46 8.97
C SER A 105 4.86 2.77 8.61
N GLN A 106 3.65 2.94 9.09
CA GLN A 106 2.73 3.94 8.53
C GLN A 106 1.80 4.41 9.63
N HIS A 107 1.50 5.71 9.64
CA HIS A 107 0.41 6.31 10.43
C HIS A 107 -0.60 6.92 9.46
N SER A 108 -1.88 6.65 9.70
CA SER A 108 -3.05 7.20 8.96
C SER A 108 -3.91 8.03 9.92
N SER A 109 -4.12 9.31 9.59
CA SER A 109 -4.99 10.22 10.35
C SER A 109 -5.99 10.86 9.38
N LEU A 110 -6.87 11.71 9.91
CA LEU A 110 -7.91 12.36 9.09
C LEU A 110 -7.95 13.84 9.48
N LYS A 111 -7.73 14.72 8.52
CA LYS A 111 -7.86 16.19 8.69
C LYS A 111 -8.92 16.66 7.69
N GLY A 112 -10.08 17.04 8.19
CA GLY A 112 -11.22 17.40 7.33
C GLY A 112 -11.68 16.19 6.50
N ASN A 113 -11.70 16.33 5.19
CA ASN A 113 -12.04 15.23 4.25
C ASN A 113 -10.76 14.66 3.62
N CYS A 114 -9.58 14.84 4.25
CA CYS A 114 -8.30 14.37 3.68
C CYS A 114 -7.66 13.36 4.64
N PHE A 115 -7.47 12.12 4.19
CA PHE A 115 -6.65 11.16 4.95
C PHE A 115 -5.20 11.61 4.83
N VAL A 116 -4.46 11.59 5.94
CA VAL A 116 -3.04 12.02 6.00
C VAL A 116 -2.18 10.78 6.32
N TYR A 117 -1.21 10.49 5.44
CA TYR A 117 -0.37 9.27 5.53
C TYR A 117 1.08 9.67 5.80
N ASP A 118 1.70 9.04 6.78
CA ASP A 118 3.13 9.27 7.12
C ASP A 118 3.83 7.90 7.10
N VAL A 119 4.70 7.69 6.12
CA VAL A 119 5.31 6.36 5.80
C VAL A 119 6.83 6.39 6.05
N LYS A 120 7.35 5.32 6.66
CA LYS A 120 8.79 4.95 6.69
C LYS A 120 9.00 3.65 5.88
N PHE A 121 9.95 3.68 4.96
CA PHE A 121 10.21 2.56 4.03
C PHE A 121 11.70 2.23 4.12
N HIS A 122 12.05 0.96 4.32
CA HIS A 122 13.47 0.57 4.43
C HIS A 122 13.69 -0.67 3.60
N GLY A 123 14.55 -0.59 2.58
CA GLY A 123 14.81 -1.76 1.71
C GLY A 123 16.29 -2.13 1.75
N VAL A 124 16.57 -3.41 1.96
CA VAL A 124 17.96 -3.91 2.11
C VAL A 124 18.11 -5.22 1.34
N HIS A 125 19.35 -5.50 0.97
CA HIS A 125 19.74 -6.79 0.33
C HIS A 125 19.14 -6.95 -1.06
N PHE A 126 18.84 -5.86 -1.76
CA PHE A 126 18.50 -5.99 -3.21
C PHE A 126 19.78 -6.32 -3.95
N PRO A 127 19.81 -7.43 -4.69
CA PRO A 127 20.98 -7.82 -5.46
C PRO A 127 21.23 -6.78 -6.55
N LEU A 128 22.51 -6.45 -6.75
CA LEU A 128 22.84 -5.34 -7.66
C LEU A 128 22.41 -5.70 -9.09
N ASP A 129 22.37 -7.00 -9.43
CA ASP A 129 22.01 -7.50 -10.78
C ASP A 129 20.53 -7.92 -10.78
N GLY A 130 19.76 -7.60 -9.75
CA GLY A 130 18.39 -8.08 -9.61
C GLY A 130 17.41 -7.16 -10.33
N PRO A 131 16.15 -7.59 -10.53
CA PRO A 131 15.16 -6.76 -11.22
C PRO A 131 14.91 -5.39 -10.57
N VAL A 132 15.09 -5.27 -9.24
CA VAL A 132 14.77 -3.98 -8.56
C VAL A 132 15.89 -2.97 -8.84
N MET A 133 17.15 -3.33 -8.59
CA MET A 133 18.27 -2.38 -8.83
C MET A 133 18.49 -2.18 -10.35
N GLN A 134 18.15 -3.15 -11.16
CA GLN A 134 18.29 -3.04 -12.65
C GLN A 134 17.02 -2.44 -13.29
N LYS A 135 16.00 -2.05 -12.51
CA LYS A 135 14.75 -1.39 -12.97
C LYS A 135 14.11 -2.19 -14.12
N LYS A 136 13.94 -3.49 -13.94
CA LYS A 136 13.37 -4.43 -14.94
C LYS A 136 11.96 -4.87 -14.52
N THR A 137 11.28 -4.14 -13.65
CA THR A 137 9.91 -4.53 -13.20
C THR A 137 8.88 -3.87 -14.11
N LEU A 138 7.67 -4.43 -14.17
CA LEU A 138 6.65 -4.03 -15.16
C LEU A 138 5.28 -4.04 -14.46
N GLY A 139 5.27 -3.70 -13.17
CA GLY A 139 4.05 -3.50 -12.38
C GLY A 139 3.69 -4.76 -11.58
N TRP A 140 2.78 -4.62 -10.63
CA TRP A 140 2.32 -5.78 -9.84
C TRP A 140 1.21 -6.54 -10.59
N GLU A 141 1.15 -7.84 -10.41
CA GLU A 141 -0.03 -8.65 -10.76
C GLU A 141 -1.14 -8.28 -9.78
N PRO A 142 -2.42 -8.52 -10.12
CA PRO A 142 -3.50 -8.51 -9.15
C PRO A 142 -3.19 -9.48 -7.99
N SER A 143 -3.91 -9.35 -6.87
CA SER A 143 -3.61 -10.20 -5.69
C SER A 143 -4.90 -10.44 -4.92
N THR A 144 -4.85 -11.45 -4.08
CA THR A 144 -5.89 -11.68 -3.05
C THR A 144 -5.19 -11.77 -1.69
N GLU A 145 -5.57 -10.87 -0.78
CA GLU A 145 -5.04 -10.75 0.58
C GLU A 145 -6.02 -11.37 1.57
N ARG A 146 -5.50 -12.24 2.43
CA ARG A 146 -6.30 -12.79 3.56
C ARG A 146 -6.22 -11.78 4.69
N ILE A 147 -7.38 -11.36 5.25
CA ILE A 147 -7.52 -10.37 6.35
C ILE A 147 -8.12 -11.10 7.54
N TYR A 148 -7.48 -11.07 8.71
CA TYR A 148 -7.99 -11.86 9.85
C TYR A 148 -7.56 -11.19 11.15
N PRO A 149 -8.39 -11.29 12.21
CA PRO A 149 -8.05 -10.70 13.50
C PRO A 149 -7.01 -11.55 14.23
N ARG A 150 -6.10 -10.87 14.93
CA ARG A 150 -5.12 -11.49 15.84
C ARG A 150 -4.70 -10.45 16.90
N ASP A 151 -4.58 -10.87 18.15
CA ASP A 151 -4.00 -10.04 19.26
C ASP A 151 -4.76 -8.71 19.36
N GLY A 152 -6.07 -8.68 19.10
CA GLY A 152 -6.89 -7.46 19.21
C GLY A 152 -6.64 -6.49 18.07
N MET A 153 -5.90 -6.91 17.06
CA MET A 153 -5.61 -6.08 15.88
C MET A 153 -5.94 -6.89 14.62
N LEU A 154 -5.47 -6.41 13.49
CA LEU A 154 -5.85 -7.01 12.20
C LEU A 154 -4.57 -7.30 11.43
N ARG A 155 -4.55 -8.44 10.78
CA ARG A 155 -3.40 -8.85 9.97
C ARG A 155 -3.88 -9.04 8.54
N GLY A 156 -2.94 -8.89 7.60
CA GLY A 156 -3.20 -9.22 6.20
C GLY A 156 -2.01 -9.96 5.61
N ASP A 157 -2.26 -11.11 4.99
CA ASP A 157 -1.20 -11.95 4.35
C ASP A 157 -1.51 -11.97 2.85
N VAL A 158 -0.55 -11.59 1.99
CA VAL A 158 -0.80 -11.69 0.53
C VAL A 158 0.48 -12.04 -0.19
N PRO A 159 0.45 -13.10 -1.03
CA PRO A 159 1.59 -13.40 -1.88
C PRO A 159 1.47 -12.47 -3.10
N MET A 160 2.44 -11.58 -3.26
CA MET A 160 2.46 -10.56 -4.33
C MET A 160 3.42 -11.07 -5.42
N ALA A 161 3.29 -10.54 -6.64
CA ALA A 161 4.14 -10.92 -7.79
C ALA A 161 4.36 -9.67 -8.63
N LEU A 162 5.64 -9.33 -8.86
CA LEU A 162 6.04 -8.24 -9.77
C LEU A 162 6.31 -8.85 -11.14
N LYS A 163 5.74 -8.27 -12.18
CA LYS A 163 6.08 -8.65 -13.57
C LYS A 163 7.49 -8.15 -13.83
N VAL A 164 8.30 -8.91 -14.58
CA VAL A 164 9.69 -8.52 -14.91
C VAL A 164 9.90 -8.67 -16.43
N GLU A 165 10.82 -7.89 -16.96
CA GLU A 165 11.21 -7.95 -18.40
C GLU A 165 11.60 -9.38 -18.78
N GLY A 166 11.15 -9.81 -19.96
CA GLY A 166 11.29 -11.20 -20.44
C GLY A 166 9.96 -11.95 -20.30
N GLY A 167 9.08 -11.45 -19.44
CA GLY A 167 7.70 -11.95 -19.23
C GLY A 167 7.54 -12.84 -18.01
N GLY A 168 8.57 -13.06 -17.18
CA GLY A 168 8.47 -13.81 -15.92
C GLY A 168 7.87 -12.99 -14.78
N ASN A 169 7.86 -13.55 -13.56
CA ASN A 169 7.51 -12.72 -12.37
C ASN A 169 8.60 -12.83 -11.31
N TYR A 170 8.36 -12.12 -10.21
CA TYR A 170 9.32 -11.90 -9.08
C TYR A 170 8.44 -11.76 -7.83
N ARG A 171 8.49 -12.74 -6.96
CA ARG A 171 7.51 -12.88 -5.88
C ARG A 171 7.98 -12.16 -4.63
N CYS A 172 7.00 -11.68 -3.89
CA CYS A 172 7.17 -11.00 -2.61
C CYS A 172 6.01 -11.37 -1.70
N ASP A 173 6.32 -11.92 -0.54
CA ASP A 173 5.31 -12.18 0.50
C ASP A 173 5.16 -10.89 1.32
N PHE A 174 3.94 -10.39 1.41
CA PHE A 174 3.57 -9.32 2.35
C PHE A 174 2.92 -9.89 3.59
N LYS A 175 3.44 -9.44 4.73
CA LYS A 175 2.77 -9.65 6.04
C LYS A 175 2.51 -8.26 6.59
N THR A 176 1.25 -7.93 6.80
CA THR A 176 0.88 -6.57 7.28
C THR A 176 0.11 -6.74 8.59
N VAL A 177 0.33 -5.81 9.51
CA VAL A 177 -0.44 -5.74 10.78
C VAL A 177 -1.02 -4.33 10.81
N TYR A 178 -2.33 -4.22 11.06
CA TYR A 178 -3.09 -2.97 11.04
C TYR A 178 -3.57 -2.75 12.49
N LYS A 179 -3.35 -1.57 13.05
CA LYS A 179 -3.65 -1.27 14.47
C LYS A 179 -4.47 0.02 14.59
N ALA A 180 -5.75 -0.12 14.89
CA ALA A 180 -6.65 1.04 15.18
C ALA A 180 -6.15 1.76 16.44
N LYS A 181 -6.19 3.09 16.44
CA LYS A 181 -5.80 3.93 17.61
C LYS A 181 -6.95 3.97 18.62
N LYS A 182 -8.12 3.45 18.26
CA LYS A 182 -9.33 3.38 19.13
C LYS A 182 -9.96 2.00 18.99
N SER A 183 -10.83 1.66 19.94
CA SER A 183 -11.63 0.41 19.94
C SER A 183 -12.53 0.38 18.71
N VAL A 184 -12.55 -0.74 18.00
CA VAL A 184 -13.44 -0.91 16.81
C VAL A 184 -13.89 -2.37 16.81
N LYS A 185 -14.96 -2.70 16.11
CA LYS A 185 -15.48 -4.07 15.99
C LYS A 185 -14.58 -4.84 15.01
N LEU A 186 -13.97 -5.93 15.43
CA LEU A 186 -13.06 -6.71 14.54
C LEU A 186 -13.90 -7.53 13.58
N PRO A 187 -13.48 -7.68 12.29
CA PRO A 187 -14.15 -8.60 11.40
C PRO A 187 -13.69 -10.00 11.71
N GLU A 188 -14.30 -10.97 11.05
CA GLU A 188 -13.82 -12.37 10.96
C GLU A 188 -12.91 -12.49 9.74
N ASN A 189 -12.28 -13.66 9.57
CA ASN A 189 -11.45 -13.97 8.37
C ASN A 189 -12.21 -13.50 7.13
N HIS A 190 -11.51 -12.82 6.22
CA HIS A 190 -12.10 -12.50 4.92
C HIS A 190 -10.96 -12.27 3.93
N PHE A 191 -11.32 -11.81 2.75
CA PHE A 191 -10.36 -11.58 1.65
C PHE A 191 -10.57 -10.17 1.09
N VAL A 192 -9.48 -9.64 0.57
CA VAL A 192 -9.52 -8.41 -0.25
C VAL A 192 -8.84 -8.76 -1.57
N ASP A 193 -9.60 -8.63 -2.66
CA ASP A 193 -9.04 -8.74 -4.03
C ASP A 193 -8.54 -7.35 -4.38
N HIS A 194 -7.29 -7.25 -4.84
CA HIS A 194 -6.64 -5.96 -5.19
C HIS A 194 -6.23 -5.93 -6.67
N ARG A 195 -6.19 -4.74 -7.22
CA ARG A 195 -5.42 -4.48 -8.46
C ARG A 195 -4.83 -3.08 -8.36
N ILE A 196 -3.51 -2.99 -8.42
CA ILE A 196 -2.79 -1.70 -8.34
C ILE A 196 -2.07 -1.51 -9.69
N VAL A 197 -2.21 -0.32 -10.26
CA VAL A 197 -1.62 0.05 -11.57
C VAL A 197 -0.90 1.38 -11.43
N MET A 198 0.30 1.47 -12.03
CA MET A 198 0.97 2.75 -12.30
C MET A 198 0.40 3.24 -13.63
N THR A 199 -0.42 4.28 -13.57
CA THR A 199 -1.17 4.81 -14.73
C THR A 199 -0.28 5.74 -15.57
N LYS A 200 0.72 6.37 -14.97
CA LYS A 200 1.61 7.29 -15.74
C LYS A 200 2.92 7.44 -14.97
N HIS A 201 4.00 7.64 -15.71
CA HIS A 201 5.29 8.03 -15.10
C HIS A 201 6.09 8.83 -16.12
N ASP A 202 6.90 9.76 -15.63
CA ASP A 202 7.96 10.38 -16.44
C ASP A 202 9.17 9.44 -16.49
N LYS A 203 10.23 9.85 -17.17
CA LYS A 203 11.35 8.99 -17.60
C LYS A 203 12.02 8.32 -16.40
N ASP A 204 12.28 9.06 -15.33
CA ASP A 204 13.06 8.53 -14.18
C ASP A 204 12.14 8.34 -12.98
N TYR A 205 10.82 8.32 -13.21
CA TYR A 205 9.79 8.05 -12.16
C TYR A 205 9.80 9.11 -11.06
N THR A 206 10.34 10.31 -11.31
CA THR A 206 10.22 11.39 -10.30
C THR A 206 8.74 11.80 -10.19
N ASN A 207 7.98 11.67 -11.27
CA ASN A 207 6.53 11.98 -11.27
C ASN A 207 5.78 10.70 -11.63
N VAL A 208 4.96 10.20 -10.71
CA VAL A 208 4.21 8.94 -10.93
C VAL A 208 2.74 9.19 -10.58
N GLU A 209 1.85 8.54 -11.32
CA GLU A 209 0.44 8.41 -10.93
C GLU A 209 0.11 6.91 -10.89
N GLN A 210 -0.71 6.55 -9.91
CA GLN A 210 -1.09 5.14 -9.64
C GLN A 210 -2.53 5.09 -9.15
N ALA A 211 -3.14 3.92 -9.31
CA ALA A 211 -4.55 3.72 -8.94
C ALA A 211 -4.66 2.32 -8.36
N GLU A 212 -5.62 2.15 -7.46
CA GLU A 212 -5.92 0.82 -6.88
C GLU A 212 -7.44 0.64 -6.82
N VAL A 213 -7.88 -0.58 -7.08
CA VAL A 213 -9.25 -1.06 -6.79
C VAL A 213 -9.09 -2.19 -5.80
N ALA A 214 -9.93 -2.20 -4.77
CA ALA A 214 -9.83 -3.17 -3.65
C ALA A 214 -11.23 -3.43 -3.16
N VAL A 215 -11.61 -4.69 -3.12
CA VAL A 215 -12.98 -5.09 -2.68
C VAL A 215 -12.85 -6.24 -1.71
N ALA A 216 -13.46 -6.13 -0.53
CA ALA A 216 -13.51 -7.17 0.51
C ALA A 216 -14.63 -8.16 0.21
N ARG A 217 -14.45 -9.39 0.62
CA ARG A 217 -15.45 -10.44 0.37
C ARG A 217 -15.17 -11.62 1.28
N ASN A 218 -16.19 -12.46 1.43
CA ASN A 218 -16.02 -13.81 1.98
C ASN A 218 -15.60 -14.75 0.85
N SER A 219 -15.30 -15.98 1.22
CA SER A 219 -15.10 -17.06 0.23
C SER A 219 -16.34 -17.14 -0.66
N PRO A 220 -16.19 -17.42 -1.97
CA PRO A 220 -17.36 -17.62 -2.84
C PRO A 220 -18.22 -18.86 -2.53
N PHE A 221 -17.69 -19.80 -1.77
CA PHE A 221 -18.43 -21.04 -1.39
C PHE A 221 -17.89 -21.52 -0.05
S SO4 B . 18.05 16.18 -3.08
O1 SO4 B . 19.15 17.11 -3.20
O2 SO4 B . 18.18 15.39 -1.90
O3 SO4 B . 16.80 16.90 -3.03
O4 SO4 B . 18.06 15.31 -4.25
#